data_5YBQ
#
_entry.id   5YBQ
#
_cell.length_a   171.361
_cell.length_b   171.361
_cell.length_c   45.559
_cell.angle_alpha   90.00
_cell.angle_beta   90.00
_cell.angle_gamma   120.00
#
_symmetry.space_group_name_H-M   'P 62'
#
loop_
_entity.id
_entity.type
_entity.pdbx_description
1 polymer PrhA
2 non-polymer 'FE (III) ION'
3 non-polymer '2-OXOGLUTARIC ACID'
4 non-polymer 'preaustinoid A2'
5 water water
#
_entity_poly.entity_id   1
_entity_poly.type   'polypeptide(L)'
_entity_poly.pdbx_seq_one_letter_code
;MGSSHHHHHHSSGLVPRGSHMPPRLQRFPATASADEIFAAFQEDGCVVIEGFISPEQVARFSQEVDPAMEKIPVEVTNNG
NSNDRTKRFSKCVIASPTFRNEIIESDLMHELCDRVFSKPGEGMGYHFNDNMVIEVQPGAPAQRLHRDQELYPWWNSMGP
AGPECLINFFCAVTPFTEENGATRLVPGSHLWPEFTQINERDCPQFGKIETVPAIMQPGDCYLMSGKVIHGAGHNATTTD
RRRALALSIIRRELRPMQAFSLSVPMKLAREMSERSQTMFGFRSSVQHCDVDMVHFWGNDGKDIAHHLGLISSA
;
_entity_poly.pdbx_strand_id   A,B
#
loop_
_chem_comp.id
_chem_comp.type
_chem_comp.name
_chem_comp.formula
8T0 non-polymer 'preaustinoid A2' 'C26 H34 O7'
AKG non-polymer '2-OXOGLUTARIC ACID' 'C5 H6 O5'
FE non-polymer 'FE (III) ION' 'Fe 3'
#
# COMPACT_ATOMS: atom_id res chain seq x y z
N LEU A 14 -24.08 -0.51 36.73
CA LEU A 14 -23.21 0.08 37.74
C LEU A 14 -22.66 -0.97 38.70
N VAL A 15 -21.65 -0.58 39.48
CA VAL A 15 -21.02 -1.48 40.43
C VAL A 15 -20.96 -0.76 41.78
N PRO A 16 -20.84 -1.52 42.88
CA PRO A 16 -20.78 -0.91 44.22
C PRO A 16 -19.57 -0.02 44.47
N GLY A 18 -17.47 1.79 45.89
CA GLY A 18 -16.03 1.94 45.77
C GLY A 18 -15.31 0.84 45.01
N SER A 19 -16.03 0.16 44.11
CA SER A 19 -15.42 -0.81 43.22
C SER A 19 -14.54 -0.11 42.18
N HIS A 20 -13.53 -0.83 41.68
CA HIS A 20 -12.73 -0.27 40.60
C HIS A 20 -13.59 -0.15 39.34
N MET A 21 -13.49 1.01 38.67
CA MET A 21 -14.34 1.30 37.51
C MET A 21 -13.56 1.10 36.22
N PRO A 22 -14.05 0.27 35.31
CA PRO A 22 -13.32 -0.04 34.09
C PRO A 22 -13.34 1.13 33.12
N PRO A 23 -12.60 1.03 32.00
CA PRO A 23 -12.67 2.06 30.96
C PRO A 23 -14.03 2.13 30.29
N ARG A 24 -14.38 3.34 29.87
CA ARG A 24 -15.65 3.57 29.20
C ARG A 24 -15.52 3.18 27.74
N LEU A 25 -16.41 2.31 27.28
CA LEU A 25 -16.56 2.01 25.87
C LEU A 25 -17.86 2.69 25.44
N GLN A 26 -17.76 3.72 24.60
CA GLN A 26 -18.93 4.52 24.30
C GLN A 26 -19.82 3.80 23.30
N ARG A 27 -21.13 4.02 23.43
CA ARG A 27 -22.12 3.31 22.64
C ARG A 27 -23.09 4.30 21.99
N PHE A 28 -23.38 4.07 20.72
CA PHE A 28 -24.25 4.92 19.94
C PHE A 28 -25.11 4.02 19.10
N PRO A 29 -26.36 4.37 18.87
CA PRO A 29 -27.16 3.68 17.86
C PRO A 29 -26.79 4.13 16.46
N ALA A 30 -27.06 3.26 15.49
CA ALA A 30 -26.68 3.56 14.09
C ALA A 30 -27.40 4.78 13.53
N THR A 31 -28.34 5.36 14.27
CA THR A 31 -29.08 6.54 13.84
C THR A 31 -28.53 7.82 14.45
N ALA A 32 -27.53 7.73 15.32
CA ALA A 32 -26.83 8.92 15.77
C ALA A 32 -26.03 9.51 14.60
N SER A 33 -25.68 10.79 14.73
CA SER A 33 -25.00 11.47 13.64
C SER A 33 -23.56 11.00 13.55
N ALA A 34 -23.10 10.81 12.31
CA ALA A 34 -21.73 10.42 12.06
C ALA A 34 -20.73 11.33 12.77
N ASP A 35 -21.13 12.59 13.04
CA ASP A 35 -20.22 13.48 13.74
C ASP A 35 -20.13 13.11 15.21
N GLU A 36 -21.26 12.68 15.79
CA GLU A 36 -21.27 12.32 17.20
C GLU A 36 -20.52 11.02 17.43
N ILE A 37 -20.67 10.08 16.50
CA ILE A 37 -19.95 8.81 16.55
C ILE A 37 -18.45 9.03 16.32
N PHE A 38 -18.08 9.90 15.37
CA PHE A 38 -16.67 10.12 15.07
C PHE A 38 -15.96 10.87 16.19
N ALA A 39 -16.66 11.77 16.89
CA ALA A 39 -16.03 12.43 18.03
C ALA A 39 -15.63 11.42 19.08
N ALA A 40 -16.43 10.37 19.24
CA ALA A 40 -16.11 9.33 20.23
C ALA A 40 -14.93 8.50 19.75
N PHE A 41 -15.01 8.01 18.51
CA PHE A 41 -13.88 7.36 17.87
C PHE A 41 -12.60 8.17 18.04
N GLN A 42 -12.66 9.48 17.80
CA GLN A 42 -11.45 10.28 17.92
C GLN A 42 -11.02 10.39 19.38
N GLU A 43 -11.96 10.41 20.32
CA GLU A 43 -11.59 10.52 21.72
C GLU A 43 -11.00 9.21 22.23
N ASP A 44 -11.68 8.10 21.99
CA ASP A 44 -11.31 6.83 22.59
C ASP A 44 -10.58 5.89 21.64
N GLY A 45 -10.70 6.09 20.32
CA GLY A 45 -10.09 5.20 19.37
C GLY A 45 -10.97 4.04 18.97
N CYS A 46 -12.16 3.95 19.55
CA CYS A 46 -13.11 2.86 19.36
C CYS A 46 -14.45 3.31 19.91
N VAL A 47 -15.52 2.69 19.42
CA VAL A 47 -16.87 3.10 19.76
C VAL A 47 -17.84 2.06 19.21
N VAL A 48 -18.87 1.69 20.00
CA VAL A 48 -19.87 0.73 19.55
C VAL A 48 -20.95 1.46 18.76
N ILE A 49 -21.31 0.89 17.62
CA ILE A 49 -22.43 1.39 16.83
C ILE A 49 -23.51 0.31 16.91
N GLU A 50 -24.47 0.51 17.81
CA GLU A 50 -25.58 -0.43 17.93
C GLU A 50 -26.42 -0.41 16.66
N GLY A 51 -26.80 -1.59 16.20
CA GLY A 51 -27.62 -1.64 15.02
C GLY A 51 -26.94 -1.19 13.76
N PHE A 52 -25.61 -1.28 13.70
CA PHE A 52 -24.89 -1.02 12.46
C PHE A 52 -25.50 -1.80 11.29
N ILE A 53 -25.86 -3.05 11.53
CA ILE A 53 -26.57 -3.88 10.57
C ILE A 53 -27.89 -4.28 11.20
N SER A 54 -28.92 -4.40 10.38
CA SER A 54 -30.20 -4.81 10.93
C SER A 54 -30.14 -6.28 11.38
N PRO A 55 -30.87 -6.65 12.44
CA PRO A 55 -30.89 -8.06 12.86
C PRO A 55 -31.42 -8.95 11.77
N GLU A 56 -32.30 -8.44 10.92
CA GLU A 56 -32.74 -9.21 9.77
C GLU A 56 -31.60 -9.35 8.77
N GLN A 57 -30.86 -8.26 8.53
CA GLN A 57 -29.76 -8.32 7.58
C GLN A 57 -28.66 -9.25 8.06
N VAL A 58 -28.33 -9.18 9.35
CA VAL A 58 -27.23 -9.99 9.85
C VAL A 58 -27.61 -11.46 9.84
N ALA A 59 -28.87 -11.78 10.18
CA ALA A 59 -29.28 -13.18 10.26
C ALA A 59 -29.22 -13.84 8.90
N ARG A 60 -29.58 -13.10 7.84
CA ARG A 60 -29.48 -13.68 6.52
C ARG A 60 -28.05 -13.72 6.02
N PHE A 61 -27.21 -12.79 6.47
CA PHE A 61 -25.80 -12.91 6.16
C PHE A 61 -25.22 -14.16 6.81
N SER A 62 -25.47 -14.32 8.12
CA SER A 62 -24.98 -15.48 8.85
C SER A 62 -25.46 -16.79 8.22
N GLN A 63 -26.63 -16.78 7.61
CA GLN A 63 -27.16 -17.95 6.94
C GLN A 63 -26.58 -18.11 5.53
N GLU A 64 -26.25 -17.01 4.88
CA GLU A 64 -25.67 -17.07 3.55
C GLU A 64 -24.22 -17.55 3.57
N VAL A 65 -23.49 -17.34 4.68
CA VAL A 65 -22.10 -17.77 4.81
C VAL A 65 -21.96 -19.13 5.50
N ASP A 66 -22.95 -19.51 6.31
CA ASP A 66 -22.88 -20.71 7.13
C ASP A 66 -22.42 -21.98 6.42
N PRO A 67 -22.79 -22.26 5.16
CA PRO A 67 -22.24 -23.44 4.49
C PRO A 67 -20.73 -23.40 4.35
N ALA A 68 -20.18 -22.30 3.82
CA ALA A 68 -18.74 -22.24 3.69
C ALA A 68 -18.08 -22.25 5.06
N MET A 69 -18.79 -21.77 6.07
CA MET A 69 -18.28 -21.79 7.43
C MET A 69 -18.24 -23.20 8.01
N GLU A 70 -19.22 -24.04 7.67
CA GLU A 70 -19.20 -25.41 8.19
C GLU A 70 -18.15 -26.27 7.48
N LYS A 71 -17.89 -26.03 6.19
CA LYS A 71 -16.82 -26.74 5.51
C LYS A 71 -15.42 -26.28 5.93
N ILE A 72 -15.32 -25.35 6.88
CA ILE A 72 -14.02 -24.87 7.36
C ILE A 72 -13.64 -25.70 8.59
N PRO A 73 -12.60 -26.50 8.52
CA PRO A 73 -12.23 -27.32 9.69
C PRO A 73 -11.61 -26.48 10.80
N VAL A 74 -11.91 -26.85 12.05
CA VAL A 74 -11.29 -26.20 13.19
C VAL A 74 -9.85 -26.69 13.31
N GLU A 75 -8.91 -25.75 13.33
CA GLU A 75 -7.51 -26.10 13.58
C GLU A 75 -7.24 -26.07 15.07
N VAL A 76 -6.90 -27.25 15.63
CA VAL A 76 -6.56 -27.40 17.04
C VAL A 76 -5.08 -27.76 17.10
N THR A 77 -4.32 -27.07 17.95
CA THR A 77 -2.88 -27.23 17.99
C THR A 77 -2.40 -27.40 19.43
N ASN A 78 -1.14 -27.86 19.57
CA ASN A 78 -0.53 -28.10 20.87
C ASN A 78 0.08 -26.82 21.48
N ASN A 79 -0.63 -25.71 21.37
CA ASN A 79 -0.13 -24.42 21.82
C ASN A 79 -1.13 -23.67 22.69
N ASN A 81 -1.28 -20.71 22.63
CA ASN A 81 -0.79 -19.39 22.25
C ASN A 81 -0.57 -19.31 20.73
N SER A 82 -1.50 -19.86 19.95
CA SER A 82 -1.32 -19.98 18.51
C SER A 82 -2.36 -19.23 17.68
N ASN A 83 -3.41 -18.69 18.31
CA ASN A 83 -4.58 -18.11 17.60
C ASN A 83 -5.30 -19.19 16.80
N ASP A 84 -5.46 -20.36 17.41
CA ASP A 84 -6.08 -21.53 16.80
C ASP A 84 -7.55 -21.58 17.21
N ARG A 85 -8.25 -22.60 16.71
CA ARG A 85 -9.68 -22.79 16.99
C ARG A 85 -10.46 -21.50 16.71
N THR A 86 -10.11 -20.85 15.60
CA THR A 86 -10.80 -19.67 15.08
C THR A 86 -10.97 -19.89 13.59
N LYS A 87 -12.22 -20.04 13.14
CA LYS A 87 -12.51 -20.07 11.72
C LYS A 87 -12.45 -18.66 11.15
N ARG A 88 -11.81 -18.52 9.99
CA ARG A 88 -11.64 -17.23 9.35
C ARG A 88 -11.97 -17.40 7.88
N PHE A 89 -13.00 -16.67 7.41
CA PHE A 89 -13.54 -16.81 6.05
C PHE A 89 -13.64 -15.45 5.38
N SER A 90 -13.11 -15.33 4.15
CA SER A 90 -13.05 -14.02 3.50
C SER A 90 -13.83 -13.87 2.21
N LYS A 91 -14.42 -14.93 1.66
CA LYS A 91 -15.14 -14.77 0.39
C LYS A 91 -16.57 -14.27 0.57
N CYS A 92 -16.78 -13.26 1.43
CA CYS A 92 -18.13 -12.81 1.74
C CYS A 92 -18.85 -12.23 0.53
N VAL A 93 -18.13 -11.52 -0.34
CA VAL A 93 -18.79 -10.92 -1.51
C VAL A 93 -19.31 -12.03 -2.42
N ILE A 94 -18.51 -13.08 -2.62
CA ILE A 94 -18.92 -14.18 -3.49
C ILE A 94 -20.04 -15.02 -2.89
N ALA A 95 -20.16 -15.09 -1.56
CA ALA A 95 -21.07 -16.04 -0.95
C ALA A 95 -22.36 -15.42 -0.41
N SER A 96 -22.47 -14.10 -0.34
CA SER A 96 -23.55 -13.45 0.40
C SER A 96 -24.16 -12.30 -0.37
N PRO A 97 -25.34 -12.50 -0.99
CA PRO A 97 -26.03 -11.36 -1.63
C PRO A 97 -26.28 -10.23 -0.67
N THR A 98 -26.72 -10.55 0.54
CA THR A 98 -26.95 -9.54 1.57
C THR A 98 -25.71 -8.71 1.84
N PHE A 99 -24.52 -9.33 1.85
CA PHE A 99 -23.31 -8.60 2.15
C PHE A 99 -22.98 -7.61 1.04
N ARG A 100 -22.99 -8.07 -0.21
CA ARG A 100 -22.59 -7.21 -1.31
C ARG A 100 -23.69 -6.27 -1.76
N ASN A 101 -24.96 -6.55 -1.45
CA ASN A 101 -26.04 -5.67 -1.85
C ASN A 101 -26.38 -4.66 -0.77
N GLU A 102 -26.18 -5.01 0.49
CA GLU A 102 -26.67 -4.17 1.57
C GLU A 102 -25.56 -3.78 2.53
N ILE A 103 -24.80 -4.77 3.02
CA ILE A 103 -23.87 -4.49 4.12
C ILE A 103 -22.80 -3.51 3.68
N ILE A 104 -22.18 -3.74 2.51
CA ILE A 104 -21.14 -2.83 2.08
C ILE A 104 -21.68 -1.48 1.62
N GLU A 105 -23.00 -1.32 1.52
CA GLU A 105 -23.58 -0.03 1.15
C GLU A 105 -23.99 0.78 2.36
N SER A 106 -23.40 0.54 3.52
CA SER A 106 -23.71 1.35 4.69
C SER A 106 -23.18 2.76 4.47
N ASP A 107 -24.11 3.73 4.43
CA ASP A 107 -23.73 5.12 4.24
C ASP A 107 -23.05 5.66 5.49
N LEU A 108 -23.46 5.18 6.67
CA LEU A 108 -22.76 5.54 7.90
C LEU A 108 -21.34 5.00 7.89
N MET A 109 -21.12 3.85 7.26
CA MET A 109 -19.77 3.31 7.15
C MET A 109 -18.89 4.23 6.33
N HIS A 110 -19.43 4.72 5.21
CA HIS A 110 -18.66 5.56 4.31
C HIS A 110 -18.52 6.99 4.82
N GLU A 111 -19.58 7.56 5.40
CA GLU A 111 -19.46 8.83 6.12
C GLU A 111 -18.22 8.84 7.01
N LEU A 112 -18.09 7.80 7.86
CA LEU A 112 -17.02 7.74 8.85
C LEU A 112 -15.66 7.47 8.21
N CYS A 113 -15.61 6.57 7.22
CA CYS A 113 -14.37 6.36 6.47
C CYS A 113 -13.86 7.67 5.88
N ASP A 114 -14.77 8.44 5.27
CA ASP A 114 -14.38 9.72 4.68
C ASP A 114 -13.78 10.64 5.73
N ARG A 115 -14.46 10.78 6.87
CA ARG A 115 -13.96 11.63 7.95
C ARG A 115 -12.60 11.17 8.45
N VAL A 116 -12.28 9.90 8.28
CA VAL A 116 -10.99 9.35 8.69
C VAL A 116 -9.95 9.54 7.58
N PHE A 117 -10.28 9.14 6.33
CA PHE A 117 -9.29 8.87 5.30
C PHE A 117 -9.27 9.84 4.12
N SER A 118 -10.39 10.51 3.81
CA SER A 118 -10.53 11.18 2.53
C SER A 118 -10.02 12.62 2.55
N LYS A 119 -9.19 12.94 1.59
CA LYS A 119 -8.56 14.25 1.51
C LYS A 119 -9.38 15.19 0.61
N PRO A 120 -9.31 16.49 0.84
CA PRO A 120 -10.08 17.42 0.01
C PRO A 120 -9.65 17.33 -1.45
N GLY A 121 -10.64 17.20 -2.33
CA GLY A 121 -10.34 17.16 -3.76
C GLY A 121 -9.69 15.91 -4.29
N GLU A 122 -9.59 14.84 -3.50
CA GLU A 122 -9.01 13.59 -3.96
C GLU A 122 -10.02 12.45 -4.08
N GLY A 123 -11.27 12.65 -3.70
CA GLY A 123 -12.14 11.48 -3.70
C GLY A 123 -11.79 10.49 -2.59
N MET A 124 -12.05 9.21 -2.86
CA MET A 124 -12.09 8.20 -1.81
C MET A 124 -10.69 7.86 -1.33
N GLY A 125 -10.39 8.20 -0.08
CA GLY A 125 -9.10 7.94 0.52
C GLY A 125 -8.88 6.54 1.05
N TYR A 126 -9.79 5.61 0.80
CA TYR A 126 -9.77 4.34 1.50
C TYR A 126 -10.31 3.25 0.59
N HIS A 127 -10.03 2.01 0.95
CA HIS A 127 -10.59 0.85 0.28
C HIS A 127 -10.54 -0.31 1.26
N PHE A 128 -10.94 -1.49 0.78
CA PHE A 128 -11.02 -2.69 1.62
C PHE A 128 -9.69 -3.39 1.75
N ASN A 129 -9.37 -3.78 2.97
CA ASN A 129 -8.26 -4.68 3.20
C ASN A 129 -8.75 -6.13 3.24
N ASP A 130 -9.89 -6.36 3.87
CA ASP A 130 -10.39 -7.72 4.07
C ASP A 130 -11.87 -7.65 4.43
N ASN A 131 -12.56 -8.76 4.19
CA ASN A 131 -13.95 -8.96 4.62
C ASN A 131 -14.00 -10.32 5.30
N MET A 132 -13.71 -10.40 6.59
CA MET A 132 -13.45 -11.70 7.20
C MET A 132 -14.49 -12.07 8.24
N VAL A 133 -15.17 -13.19 8.02
CA VAL A 133 -15.92 -13.82 9.09
C VAL A 133 -14.94 -14.51 10.02
N ILE A 134 -14.99 -14.13 11.30
CA ILE A 134 -14.09 -14.66 12.33
C ILE A 134 -14.97 -15.34 13.37
N GLU A 135 -14.98 -16.68 13.39
CA GLU A 135 -15.77 -17.46 14.34
C GLU A 135 -14.87 -18.12 15.39
N VAL A 136 -14.82 -17.54 16.59
CA VAL A 136 -14.06 -18.09 17.70
C VAL A 136 -14.80 -19.29 18.25
N GLN A 137 -14.13 -20.46 18.28
CA GLN A 137 -14.74 -21.72 18.71
C GLN A 137 -14.76 -21.86 20.23
N PRO A 138 -15.62 -22.75 20.76
CA PRO A 138 -15.63 -22.97 22.21
C PRO A 138 -14.26 -23.39 22.73
N GLY A 139 -13.82 -22.73 23.79
CA GLY A 139 -12.53 -23.05 24.38
C GLY A 139 -11.34 -22.39 23.71
N ALA A 140 -11.53 -21.73 22.58
CA ALA A 140 -10.42 -21.11 21.87
C ALA A 140 -9.61 -20.23 22.82
N PRO A 141 -8.28 -20.31 22.79
CA PRO A 141 -7.48 -19.41 23.63
C PRO A 141 -7.66 -17.96 23.22
N ALA A 142 -7.36 -17.06 24.14
CA ALA A 142 -7.37 -15.63 23.87
C ALA A 142 -6.23 -15.24 22.93
N GLN A 143 -6.39 -14.08 22.30
CA GLN A 143 -5.47 -13.60 21.29
C GLN A 143 -4.49 -12.65 21.96
N ARG A 144 -3.25 -12.67 21.51
CA ARG A 144 -2.25 -11.71 21.97
C ARG A 144 -2.78 -10.28 21.84
N LEU A 145 -2.44 -9.42 22.79
CA LEU A 145 -2.78 -8.01 22.63
C LEU A 145 -1.96 -7.41 21.50
N HIS A 146 -2.63 -6.63 20.64
CA HIS A 146 -1.99 -6.09 19.45
C HIS A 146 -2.71 -4.84 18.97
N ARG A 147 -2.01 -4.08 18.13
CA ARG A 147 -2.63 -3.04 17.32
C ARG A 147 -2.74 -3.56 15.90
N ASP A 148 -3.88 -3.30 15.26
CA ASP A 148 -4.08 -3.81 13.90
C ASP A 148 -3.07 -3.22 12.91
N GLN A 149 -2.57 -2.01 13.16
CA GLN A 149 -1.63 -1.38 12.24
C GLN A 149 -0.24 -2.02 12.31
N GLU A 150 -0.02 -3.01 13.18
CA GLU A 150 1.21 -3.80 13.14
C GLU A 150 1.30 -4.59 11.86
N LEU A 151 0.17 -4.77 11.18
CA LEU A 151 0.19 -5.33 9.83
C LEU A 151 1.07 -4.51 8.90
N TYR A 152 1.10 -3.18 9.08
CA TYR A 152 1.98 -2.28 8.33
C TYR A 152 3.10 -1.89 9.28
N PRO A 153 4.21 -2.64 9.27
CA PRO A 153 5.09 -2.71 10.46
C PRO A 153 5.74 -1.40 10.84
N TRP A 154 5.99 -0.51 9.90
CA TRP A 154 6.57 0.78 10.19
C TRP A 154 5.60 1.73 10.86
N TRP A 155 4.31 1.39 10.99
CA TRP A 155 3.35 2.42 11.38
C TRP A 155 3.54 2.86 12.82
N ASN A 156 3.82 1.92 13.74
CA ASN A 156 3.97 2.29 15.15
C ASN A 156 5.01 3.35 15.35
N SER A 157 6.07 3.33 14.54
CA SER A 157 7.18 4.25 14.73
C SER A 157 6.77 5.71 14.58
N MET A 158 5.63 5.99 13.94
CA MET A 158 5.12 7.35 13.85
C MET A 158 4.39 7.79 15.11
N GLY A 159 4.04 6.86 16.00
CA GLY A 159 3.41 7.19 17.24
C GLY A 159 2.01 7.72 17.07
N PRO A 160 1.47 8.30 18.15
CA PRO A 160 0.08 8.76 18.09
C PRO A 160 -0.12 9.95 17.18
N ALA A 161 0.93 10.69 16.85
CA ALA A 161 0.78 11.75 15.88
C ALA A 161 0.63 11.21 14.47
N GLY A 162 0.93 9.94 14.25
CA GLY A 162 0.85 9.39 12.93
C GLY A 162 -0.55 9.47 12.36
N PRO A 163 -0.66 9.46 11.04
CA PRO A 163 -1.99 9.37 10.42
C PRO A 163 -2.59 7.98 10.59
N GLU A 164 -3.89 7.88 10.34
CA GLU A 164 -4.56 6.60 10.45
C GLU A 164 -4.19 5.73 9.26
N CYS A 165 -3.80 4.48 9.49
CA CYS A 165 -3.67 3.61 8.33
C CYS A 165 -4.83 2.65 8.14
N LEU A 166 -5.60 2.36 9.19
CA LEU A 166 -6.53 1.25 9.15
C LEU A 166 -7.62 1.47 10.19
N ILE A 167 -8.86 1.19 9.82
CA ILE A 167 -9.94 1.07 10.79
C ILE A 167 -10.72 -0.20 10.49
N ASN A 168 -11.40 -0.70 11.51
CA ASN A 168 -12.11 -1.94 11.41
C ASN A 168 -13.53 -1.71 11.91
N PHE A 169 -14.53 -2.09 11.12
CA PHE A 169 -15.92 -2.14 11.58
C PHE A 169 -16.15 -3.59 11.95
N PHE A 170 -16.09 -3.87 13.24
CA PHE A 170 -16.05 -5.25 13.72
C PHE A 170 -17.44 -5.59 14.24
N CYS A 171 -18.15 -6.40 13.49
CA CYS A 171 -19.58 -6.59 13.70
C CYS A 171 -19.86 -7.88 14.44
N ALA A 172 -20.76 -7.81 15.42
CA ALA A 172 -21.31 -9.02 16.04
C ALA A 172 -22.30 -9.66 15.08
N VAL A 173 -21.94 -10.82 14.54
CA VAL A 173 -22.93 -11.64 13.85
C VAL A 173 -23.77 -12.43 14.86
N THR A 174 -23.11 -13.11 15.78
CA THR A 174 -23.78 -13.68 16.94
C THR A 174 -23.37 -12.89 18.18
N PRO A 175 -24.07 -13.06 19.29
CA PRO A 175 -23.81 -12.20 20.45
C PRO A 175 -22.35 -12.23 20.89
N PHE A 176 -21.89 -11.10 21.38
CA PHE A 176 -20.58 -10.97 22.00
C PHE A 176 -20.81 -10.90 23.50
N THR A 177 -20.41 -11.94 24.21
CA THR A 177 -20.47 -11.95 25.66
C THR A 177 -19.05 -11.99 26.22
N GLU A 178 -18.91 -11.66 27.49
CA GLU A 178 -17.60 -11.71 28.10
C GLU A 178 -17.05 -13.14 28.18
N GLU A 179 -17.93 -14.14 28.14
CA GLU A 179 -17.51 -15.52 28.31
C GLU A 179 -17.24 -16.20 26.99
N ASN A 180 -17.91 -15.80 25.90
CA ASN A 180 -17.69 -16.41 24.59
C ASN A 180 -16.56 -15.76 23.79
N GLY A 181 -15.83 -14.83 24.36
CA GLY A 181 -14.68 -14.27 23.70
C GLY A 181 -14.87 -12.98 22.93
N ALA A 182 -15.80 -12.11 23.35
CA ALA A 182 -15.87 -10.75 22.83
C ALA A 182 -14.49 -10.08 22.92
N THR A 183 -14.18 -9.24 21.93
CA THR A 183 -12.86 -8.61 21.88
C THR A 183 -12.55 -7.82 23.13
N ARG A 184 -11.30 -7.90 23.57
CA ARG A 184 -10.85 -7.07 24.68
C ARG A 184 -10.14 -5.86 24.08
N LEU A 185 -10.61 -4.66 24.45
CA LEU A 185 -10.14 -3.40 23.87
C LEU A 185 -9.50 -2.54 24.94
N VAL A 186 -8.60 -1.65 24.52
CA VAL A 186 -8.02 -0.67 25.44
C VAL A 186 -8.32 0.74 24.93
N PRO A 187 -9.40 1.38 25.38
CA PRO A 187 -9.67 2.75 24.96
C PRO A 187 -8.53 3.69 25.32
N GLY A 188 -8.23 4.61 24.41
CA GLY A 188 -7.16 5.53 24.68
C GLY A 188 -5.75 4.97 24.56
N SER A 189 -5.59 3.75 24.05
CA SER A 189 -4.23 3.31 23.73
C SER A 189 -3.71 3.92 22.43
N HIS A 190 -4.56 4.60 21.69
CA HIS A 190 -4.17 5.33 20.49
C HIS A 190 -3.50 6.66 20.83
N LEU A 191 -3.44 7.00 22.12
CA LEU A 191 -2.86 8.27 22.56
C LEU A 191 -1.61 8.10 23.42
N TRP A 192 -1.23 6.86 23.73
CA TRP A 192 0.02 6.58 24.40
C TRP A 192 1.18 7.21 23.62
N PRO A 193 2.22 7.69 24.32
CA PRO A 193 3.29 8.41 23.63
C PRO A 193 4.20 7.52 22.81
N GLU A 194 4.30 6.22 23.10
CA GLU A 194 5.12 5.34 22.29
C GLU A 194 4.30 4.11 21.94
N PHE A 195 4.32 3.72 20.67
CA PHE A 195 3.63 2.54 20.17
C PHE A 195 4.68 1.44 20.05
N THR A 196 4.58 0.41 20.88
CA THR A 196 5.45 -0.74 20.77
C THR A 196 4.59 -1.97 20.55
N GLN A 197 5.23 -3.03 20.09
CA GLN A 197 4.62 -4.34 20.22
C GLN A 197 4.37 -4.62 21.70
N ILE A 198 3.33 -5.40 21.97
CA ILE A 198 2.93 -5.66 23.36
C ILE A 198 3.59 -6.98 23.75
N ASN A 199 4.88 -6.90 24.06
CA ASN A 199 5.62 -8.06 24.56
C ASN A 199 6.40 -7.67 25.81
N GLU A 200 6.86 -8.69 26.54
CA GLU A 200 7.60 -8.44 27.77
C GLU A 200 8.87 -7.64 27.48
N ARG A 201 9.51 -7.92 26.34
CA ARG A 201 10.76 -7.25 25.98
C ARG A 201 10.54 -5.76 25.73
N ASP A 202 9.54 -5.42 24.91
CA ASP A 202 9.40 -4.04 24.46
C ASP A 202 8.35 -3.23 25.21
N CYS A 203 7.33 -3.85 25.78
CA CYS A 203 6.24 -3.08 26.34
C CYS A 203 6.39 -2.96 27.84
N PRO A 204 6.56 -1.77 28.39
CA PRO A 204 6.75 -1.65 29.84
C PRO A 204 5.50 -1.97 30.65
N GLN A 205 4.31 -1.78 30.08
CA GLN A 205 3.07 -2.10 30.77
C GLN A 205 2.66 -3.53 30.56
N PHE A 206 3.55 -4.37 30.05
CA PHE A 206 3.19 -5.75 29.76
C PHE A 206 2.65 -6.43 31.01
N GLY A 207 1.52 -7.13 30.88
CA GLY A 207 0.87 -7.76 32.01
C GLY A 207 0.08 -6.83 32.89
N LYS A 208 0.22 -5.52 32.72
CA LYS A 208 -0.48 -4.55 33.57
C LYS A 208 -1.50 -3.72 32.79
N ILE A 209 -2.03 -4.25 31.69
CA ILE A 209 -2.89 -3.49 30.80
C ILE A 209 -4.33 -3.91 31.01
N GLU A 210 -5.18 -2.94 31.33
CA GLU A 210 -6.59 -3.24 31.57
C GLU A 210 -7.38 -3.09 30.30
N THR A 211 -8.00 -4.18 29.85
CA THR A 211 -8.90 -4.20 28.71
C THR A 211 -10.35 -4.21 29.18
N VAL A 212 -11.27 -4.26 28.22
CA VAL A 212 -12.71 -4.13 28.45
C VAL A 212 -13.42 -4.79 27.28
N PRO A 213 -14.37 -5.69 27.52
CA PRO A 213 -14.96 -6.44 26.41
C PRO A 213 -15.93 -5.60 25.60
N ALA A 214 -16.12 -6.03 24.36
CA ALA A 214 -17.08 -5.41 23.45
C ALA A 214 -18.36 -6.22 23.55
N ILE A 215 -19.14 -5.95 24.59
CA ILE A 215 -20.44 -6.59 24.73
C ILE A 215 -21.35 -6.04 23.65
N MET A 216 -21.76 -6.90 22.74
CA MET A 216 -22.56 -6.48 21.62
C MET A 216 -23.59 -7.54 21.30
N GLN A 217 -24.69 -7.10 20.73
CA GLN A 217 -25.71 -8.00 20.22
C GLN A 217 -25.60 -8.06 18.71
N PRO A 218 -26.27 -9.01 18.07
CA PRO A 218 -26.06 -9.21 16.63
C PRO A 218 -26.44 -7.98 15.81
N GLY A 219 -25.57 -7.63 14.85
CA GLY A 219 -25.72 -6.42 14.09
C GLY A 219 -25.06 -5.21 14.71
N ASP A 220 -24.78 -5.22 16.01
CA ASP A 220 -23.94 -4.16 16.54
C ASP A 220 -22.54 -4.29 15.97
N CYS A 221 -21.81 -3.20 15.97
CA CYS A 221 -20.40 -3.27 15.65
C CYS A 221 -19.68 -2.27 16.52
N TYR A 222 -18.38 -2.41 16.60
CA TYR A 222 -17.55 -1.32 17.07
C TYR A 222 -16.65 -0.90 15.92
N LEU A 223 -16.42 0.39 15.82
CA LEU A 223 -15.44 0.96 14.93
C LEU A 223 -14.16 1.16 15.73
N MET A 224 -13.04 0.69 15.20
CA MET A 224 -11.80 0.75 15.97
C MET A 224 -10.64 1.17 15.08
N SER A 225 -9.81 2.05 15.61
CA SER A 225 -8.60 2.51 14.95
C SER A 225 -7.54 1.40 14.95
N GLY A 226 -6.69 1.44 13.92
CA GLY A 226 -5.50 0.60 13.92
C GLY A 226 -4.52 0.93 15.05
N LYS A 227 -4.71 2.04 15.76
CA LYS A 227 -3.84 2.41 16.86
C LYS A 227 -4.26 1.84 18.20
N VAL A 228 -5.39 1.13 18.27
CA VAL A 228 -5.98 0.67 19.53
C VAL A 228 -5.53 -0.75 19.84
N ILE A 229 -4.96 -0.93 21.04
CA ILE A 229 -4.53 -2.25 21.49
C ILE A 229 -5.75 -3.08 21.84
N HIS A 230 -5.73 -4.34 21.44
CA HIS A 230 -6.91 -5.17 21.59
C HIS A 230 -6.51 -6.60 21.33
N GLY A 231 -7.41 -7.52 21.65
CA GLY A 231 -7.22 -8.91 21.34
C GLY A 231 -8.50 -9.68 21.56
N ALA A 232 -8.79 -10.68 20.70
CA ALA A 232 -9.91 -11.58 20.94
C ALA A 232 -9.79 -12.23 22.32
N GLY A 233 -10.90 -12.32 23.02
CA GLY A 233 -10.88 -12.92 24.33
C GLY A 233 -10.91 -14.45 24.28
N HIS A 234 -10.78 -15.05 25.46
CA HIS A 234 -10.90 -16.49 25.56
C HIS A 234 -12.38 -16.89 25.51
N ASN A 235 -12.70 -17.91 24.71
CA ASN A 235 -14.08 -18.38 24.62
C ASN A 235 -14.27 -19.54 25.60
N ALA A 236 -14.62 -19.22 26.84
CA ALA A 236 -14.70 -20.22 27.90
C ALA A 236 -16.02 -21.01 27.89
N THR A 237 -16.87 -20.82 26.89
CA THR A 237 -18.08 -21.60 26.82
C THR A 237 -17.80 -22.95 26.20
N THR A 238 -18.73 -23.89 26.39
CA THR A 238 -18.62 -25.20 25.78
C THR A 238 -19.38 -25.32 24.48
N THR A 239 -20.35 -24.42 24.24
CA THR A 239 -21.27 -24.55 23.11
C THR A 239 -21.23 -23.39 22.12
N ASP A 240 -20.63 -22.26 22.47
CA ASP A 240 -20.87 -21.00 21.77
C ASP A 240 -19.78 -20.75 20.72
N ARG A 241 -20.17 -20.80 19.44
CA ARG A 241 -19.31 -20.42 18.32
C ARG A 241 -19.57 -18.95 18.01
N ARG A 242 -18.64 -18.07 18.45
CA ARG A 242 -18.83 -16.62 18.52
C ARG A 242 -18.41 -15.98 17.20
N ARG A 243 -19.40 -15.72 16.34
CA ARG A 243 -19.18 -15.31 14.95
C ARG A 243 -19.06 -13.79 14.83
N ALA A 244 -18.13 -13.33 14.00
CA ALA A 244 -17.93 -11.92 13.78
C ALA A 244 -17.74 -11.68 12.28
N LEU A 245 -18.00 -10.44 11.85
CA LEU A 245 -17.69 -9.98 10.50
C LEU A 245 -16.79 -8.77 10.64
N ALA A 246 -15.58 -8.87 10.13
CA ALA A 246 -14.59 -7.82 10.24
C ALA A 246 -14.50 -7.12 8.90
N LEU A 247 -14.95 -5.86 8.84
CA LEU A 247 -14.80 -5.02 7.66
C LEU A 247 -13.55 -4.17 7.87
N SER A 248 -12.45 -4.56 7.22
CA SER A 248 -11.13 -3.99 7.43
C SER A 248 -10.81 -3.00 6.32
N ILE A 249 -10.60 -1.73 6.69
CA ILE A 249 -10.54 -0.63 5.72
C ILE A 249 -9.24 0.13 5.92
N ILE A 250 -8.49 0.29 4.82
CA ILE A 250 -7.15 0.84 4.81
C ILE A 250 -7.14 2.04 3.86
N ARG A 251 -6.09 2.86 3.97
CA ARG A 251 -6.01 4.00 3.08
C ARG A 251 -5.55 3.54 1.69
N ARG A 252 -5.86 4.38 0.69
CA ARG A 252 -5.76 3.99 -0.71
C ARG A 252 -4.36 3.59 -1.10
N GLU A 253 -3.35 4.03 -0.38
CA GLU A 253 -1.98 3.73 -0.77
C GLU A 253 -1.45 2.46 -0.13
N LEU A 254 -2.23 1.76 0.70
CA LEU A 254 -1.74 0.54 1.32
C LEU A 254 -2.25 -0.69 0.60
N ARG A 255 -1.54 -1.75 0.70
CA ARG A 255 -1.92 -2.93 -0.05
C ARG A 255 -2.88 -3.80 0.74
N PRO A 256 -3.92 -4.33 0.11
CA PRO A 256 -4.89 -5.17 0.83
C PRO A 256 -4.37 -6.57 1.09
N MET A 257 -4.91 -7.18 2.16
CA MET A 257 -4.65 -8.60 2.43
C MET A 257 -5.22 -9.47 1.32
N GLN A 258 -6.38 -9.12 0.82
CA GLN A 258 -7.09 -9.96 -0.14
C GLN A 258 -6.98 -9.34 -1.53
N ALA A 259 -6.68 -10.18 -2.51
CA ALA A 259 -6.66 -9.78 -3.92
C ALA A 259 -8.07 -9.84 -4.48
N PHE A 260 -8.95 -8.99 -3.95
CA PHE A 260 -10.38 -9.08 -4.26
C PHE A 260 -10.66 -8.89 -5.75
N SER A 261 -9.99 -7.93 -6.38
CA SER A 261 -10.25 -7.71 -7.80
C SER A 261 -9.87 -8.91 -8.64
N LEU A 262 -9.10 -9.86 -8.11
CA LEU A 262 -8.70 -11.02 -8.89
C LEU A 262 -9.50 -12.26 -8.56
N SER A 263 -10.11 -12.34 -7.38
CA SER A 263 -10.95 -13.48 -7.08
C SER A 263 -12.45 -13.19 -7.14
N VAL A 264 -12.86 -11.94 -6.98
CA VAL A 264 -14.27 -11.64 -7.18
C VAL A 264 -14.59 -11.65 -8.67
N PRO A 265 -15.66 -12.31 -9.09
CA PRO A 265 -15.97 -12.38 -10.53
C PRO A 265 -16.48 -11.05 -11.06
N MET A 266 -16.18 -10.81 -12.35
CA MET A 266 -16.60 -9.56 -12.99
C MET A 266 -18.11 -9.41 -13.02
N LYS A 267 -18.84 -10.54 -13.10
CA LYS A 267 -20.29 -10.48 -13.01
C LYS A 267 -20.75 -9.84 -11.71
N LEU A 268 -20.08 -10.16 -10.59
CA LEU A 268 -20.37 -9.48 -9.34
C LEU A 268 -19.83 -8.06 -9.34
N ALA A 269 -18.72 -7.81 -10.04
CA ALA A 269 -18.14 -6.48 -10.14
C ALA A 269 -19.10 -5.51 -10.81
N ARG A 270 -19.62 -5.90 -11.98
CA ARG A 270 -20.46 -4.99 -12.75
C ARG A 270 -21.74 -4.61 -12.03
N GLU A 271 -22.10 -5.33 -10.97
CA GLU A 271 -23.33 -5.07 -10.25
C GLU A 271 -23.12 -4.22 -9.01
N MET A 272 -21.90 -3.74 -8.76
CA MET A 272 -21.60 -2.91 -7.60
C MET A 272 -21.79 -1.45 -7.94
N SER A 273 -22.16 -0.67 -6.93
CA SER A 273 -22.10 0.76 -7.07
C SER A 273 -20.66 1.17 -7.33
N GLU A 274 -20.48 2.40 -7.81
CA GLU A 274 -19.13 2.82 -8.16
C GLU A 274 -18.25 2.98 -6.94
N ARG A 275 -18.83 3.22 -5.76
CA ARG A 275 -17.99 3.26 -4.57
C ARG A 275 -17.63 1.87 -4.11
N SER A 276 -18.51 0.88 -4.33
CA SER A 276 -18.15 -0.50 -4.04
C SER A 276 -17.12 -1.04 -5.03
N GLN A 277 -17.16 -0.61 -6.28
CA GLN A 277 -16.09 -0.97 -7.19
C GLN A 277 -14.75 -0.41 -6.72
N THR A 278 -14.74 0.84 -6.26
CA THR A 278 -13.50 1.41 -5.77
C THR A 278 -12.97 0.66 -4.55
N MET A 279 -13.86 0.23 -3.66
CA MET A 279 -13.46 -0.49 -2.45
C MET A 279 -12.70 -1.77 -2.77
N PHE A 280 -13.03 -2.43 -3.89
CA PHE A 280 -12.43 -3.71 -4.24
C PHE A 280 -11.41 -3.61 -5.35
N GLY A 281 -11.05 -2.41 -5.78
CA GLY A 281 -10.03 -2.30 -6.81
C GLY A 281 -10.51 -2.55 -8.21
N PHE A 282 -11.81 -2.46 -8.48
CA PHE A 282 -12.32 -2.44 -9.85
C PHE A 282 -12.34 -1.04 -10.44
N ARG A 283 -11.96 -0.04 -9.65
CA ARG A 283 -12.01 1.36 -10.05
C ARG A 283 -10.96 2.08 -9.21
N SER A 284 -10.41 3.16 -9.78
CA SER A 284 -9.35 3.94 -9.15
C SER A 284 -9.93 5.12 -8.39
N SER A 285 -9.06 5.77 -7.60
CA SER A 285 -9.36 7.06 -7.00
C SER A 285 -8.20 8.02 -7.26
N VAL A 286 -8.49 9.31 -7.28
CA VAL A 286 -7.55 10.33 -7.74
C VAL A 286 -6.78 10.91 -6.55
N GLN A 287 -5.46 10.78 -6.58
CA GLN A 287 -4.61 11.36 -5.56
C GLN A 287 -3.93 12.61 -6.11
N HIS A 288 -3.75 13.62 -5.24
CA HIS A 288 -3.07 14.85 -5.62
C HIS A 288 -1.78 15.00 -4.82
N CYS A 289 -0.69 15.37 -5.51
CA CYS A 289 0.54 15.65 -4.78
C CYS A 289 0.93 17.12 -4.82
N VAL A 291 1.03 19.71 -7.04
CA VAL A 291 0.66 20.26 -8.36
C VAL A 291 0.24 19.13 -9.30
N ASP A 292 0.51 17.90 -8.89
CA ASP A 292 0.37 16.72 -9.75
C ASP A 292 -0.81 15.86 -9.33
N MET A 293 -1.38 15.16 -10.30
CA MET A 293 -2.50 14.26 -10.09
C MET A 293 -2.16 12.90 -10.71
N VAL A 294 -2.73 11.85 -10.13
CA VAL A 294 -2.60 10.50 -10.69
C VAL A 294 -3.79 9.66 -10.22
N HIS A 295 -4.21 8.73 -11.09
CA HIS A 295 -5.15 7.70 -10.67
C HIS A 295 -4.38 6.62 -9.92
N PHE A 296 -4.63 6.48 -8.61
CA PHE A 296 -3.99 5.38 -7.88
CA PHE A 296 -3.99 5.38 -7.87
C PHE A 296 -4.66 4.06 -8.23
N TRP A 297 -3.84 3.04 -8.47
CA TRP A 297 -4.28 1.73 -8.94
C TRP A 297 -5.02 1.90 -10.27
N GLY A 298 -4.26 2.38 -11.26
CA GLY A 298 -4.82 2.78 -12.53
C GLY A 298 -4.07 2.18 -13.70
N ASN A 299 -4.52 2.55 -14.91
CA ASN A 299 -4.10 1.95 -16.18
C ASN A 299 -3.57 3.03 -17.12
N ASP A 300 -2.27 3.34 -16.99
CA ASP A 300 -1.57 4.21 -17.94
C ASP A 300 -2.31 5.54 -18.13
N GLY A 301 -2.64 6.19 -17.01
CA GLY A 301 -3.30 7.46 -17.05
C GLY A 301 -4.81 7.40 -17.03
N LYS A 302 -5.40 6.21 -17.14
CA LYS A 302 -6.86 6.07 -17.13
C LYS A 302 -7.28 5.23 -15.94
N ASP A 303 -8.47 5.52 -15.44
CA ASP A 303 -9.09 4.66 -14.43
C ASP A 303 -9.09 3.23 -14.94
N ILE A 304 -8.78 2.29 -14.06
CA ILE A 304 -8.80 0.88 -14.46
C ILE A 304 -10.19 0.45 -14.90
N ALA A 305 -11.23 1.18 -14.46
CA ALA A 305 -12.61 0.82 -14.79
C ALA A 305 -12.90 0.87 -16.29
N HIS A 306 -12.09 1.60 -17.07
CA HIS A 306 -12.25 1.58 -18.51
C HIS A 306 -11.92 0.20 -19.08
N HIS A 307 -10.67 -0.22 -18.91
CA HIS A 307 -10.24 -1.50 -19.44
C HIS A 307 -11.12 -2.66 -18.98
N LEU A 308 -11.78 -2.51 -17.83
CA LEU A 308 -12.67 -3.55 -17.33
C LEU A 308 -14.12 -3.40 -17.80
N GLY A 309 -14.45 -2.30 -18.47
CA GLY A 309 -15.76 -2.13 -19.05
C GLY A 309 -16.83 -1.62 -18.13
N LEU A 310 -16.47 -0.88 -17.08
CA LEU A 310 -17.43 -0.49 -16.06
C LEU A 310 -17.89 0.96 -16.20
N ILE A 311 -17.78 1.54 -17.40
CA ILE A 311 -18.21 2.91 -17.77
C ILE A 311 -17.20 3.93 -17.28
N GLY B 13 42.54 13.81 -6.24
CA GLY B 13 42.60 14.85 -7.26
C GLY B 13 41.43 14.83 -8.22
N LEU B 14 40.20 14.90 -7.68
CA LEU B 14 38.97 14.80 -8.47
C LEU B 14 38.34 16.16 -8.76
N VAL B 15 38.42 17.09 -7.82
CA VAL B 15 38.11 18.51 -8.05
C VAL B 15 39.44 19.24 -7.88
N PRO B 16 39.66 20.36 -8.58
CA PRO B 16 40.91 21.12 -8.37
C PRO B 16 41.16 21.40 -6.89
N ARG B 17 42.36 21.09 -6.43
CA ARG B 17 42.73 21.27 -5.03
C ARG B 17 42.24 22.61 -4.52
N GLY B 18 41.50 22.59 -3.42
CA GLY B 18 40.92 23.77 -2.84
C GLY B 18 39.47 24.01 -3.21
N SER B 19 38.96 23.34 -4.25
CA SER B 19 37.59 23.59 -4.71
C SER B 19 36.56 23.15 -3.67
N HIS B 20 35.37 23.72 -3.79
CA HIS B 20 34.21 23.11 -3.16
C HIS B 20 33.90 21.78 -3.83
N MET B 21 33.50 20.80 -3.02
CA MET B 21 33.28 19.44 -3.48
C MET B 21 31.79 19.17 -3.65
N PRO B 22 31.31 18.79 -4.85
CA PRO B 22 29.89 18.62 -5.19
C PRO B 22 29.24 17.33 -4.67
N ARG B 24 28.72 13.59 -3.75
CA ARG B 24 29.27 12.30 -4.15
C ARG B 24 28.26 11.51 -4.99
N LEU B 25 28.62 11.14 -6.24
CA LEU B 25 27.69 10.42 -7.14
C LEU B 25 28.40 9.19 -7.73
N GLN B 26 28.64 8.18 -6.90
CA GLN B 26 29.46 7.03 -7.28
C GLN B 26 28.91 6.31 -8.51
N ARG B 27 29.79 5.55 -9.18
CA ARG B 27 29.43 4.78 -10.36
C ARG B 27 30.08 3.41 -10.26
N PHE B 28 29.37 2.41 -10.77
CA PHE B 28 29.79 1.01 -10.73
C PHE B 28 29.50 0.39 -12.07
N PRO B 29 30.18 -0.70 -12.42
CA PRO B 29 29.82 -1.42 -13.64
C PRO B 29 28.63 -2.31 -13.35
N ALA B 30 27.89 -2.63 -14.42
CA ALA B 30 26.78 -3.52 -14.13
C ALA B 30 27.22 -4.93 -13.74
N THR B 31 28.54 -5.18 -13.66
CA THR B 31 29.09 -6.51 -13.38
C THR B 31 29.71 -6.61 -11.98
N ALA B 32 29.70 -5.52 -11.21
CA ALA B 32 30.26 -5.55 -9.87
C ALA B 32 29.35 -6.33 -8.94
N SER B 33 29.79 -6.49 -7.69
CA SER B 33 29.02 -7.23 -6.70
C SER B 33 27.80 -6.43 -6.25
N ALA B 34 26.82 -7.14 -5.72
CA ALA B 34 25.62 -6.50 -5.20
C ALA B 34 25.92 -5.74 -3.91
N ASP B 35 26.72 -6.32 -3.02
CA ASP B 35 27.08 -5.62 -1.79
C ASP B 35 27.85 -4.35 -2.09
N GLU B 36 28.70 -4.36 -3.13
CA GLU B 36 29.42 -3.16 -3.52
C GLU B 36 28.44 -2.06 -3.90
N ILE B 37 27.58 -2.33 -4.88
CA ILE B 37 26.60 -1.33 -5.31
C ILE B 37 25.71 -0.93 -4.15
N PHE B 38 25.31 -1.88 -3.31
CA PHE B 38 24.38 -1.56 -2.23
C PHE B 38 25.02 -0.63 -1.21
N ALA B 39 26.30 -0.83 -0.89
CA ALA B 39 26.97 0.04 0.07
C ALA B 39 26.98 1.49 -0.41
N ALA B 40 27.19 1.69 -1.71
CA ALA B 40 27.10 3.03 -2.26
C ALA B 40 25.69 3.61 -2.12
N PHE B 41 24.68 2.75 -2.31
CA PHE B 41 23.28 3.15 -2.13
C PHE B 41 23.05 3.66 -0.71
N GLN B 42 23.45 2.86 0.29
CA GLN B 42 23.28 3.26 1.69
C GLN B 42 23.94 4.59 1.97
N GLU B 43 25.20 4.75 1.54
CA GLU B 43 25.98 5.92 1.93
C GLU B 43 25.46 7.19 1.25
N ASP B 44 25.06 7.11 -0.02
CA ASP B 44 24.73 8.29 -0.80
C ASP B 44 23.24 8.46 -1.07
N GLY B 45 22.44 7.41 -0.95
CA GLY B 45 21.07 7.42 -1.39
C GLY B 45 20.86 7.06 -2.85
N CYS B 46 21.92 7.09 -3.67
CA CYS B 46 21.80 6.73 -5.07
C CYS B 46 23.18 6.34 -5.57
N VAL B 47 23.21 5.82 -6.79
CA VAL B 47 24.40 5.20 -7.37
C VAL B 47 24.08 4.90 -8.82
N VAL B 48 25.09 4.86 -9.70
CA VAL B 48 24.87 4.59 -11.11
C VAL B 48 25.27 3.15 -11.40
N ILE B 49 24.51 2.49 -12.28
CA ILE B 49 24.88 1.18 -12.81
C ILE B 49 24.98 1.35 -14.33
N GLU B 50 26.22 1.47 -14.83
CA GLU B 50 26.45 1.66 -16.25
C GLU B 50 26.32 0.33 -16.97
N GLY B 51 25.59 0.34 -18.08
CA GLY B 51 25.28 -0.92 -18.72
C GLY B 51 24.37 -1.78 -17.88
N PHE B 52 23.46 -1.18 -17.12
CA PHE B 52 22.46 -1.97 -16.42
C PHE B 52 21.64 -2.84 -17.36
N ILE B 53 21.60 -2.51 -18.66
CA ILE B 53 20.85 -3.25 -19.67
C ILE B 53 21.70 -3.40 -20.93
N SER B 54 21.83 -4.64 -21.42
CA SER B 54 22.62 -4.91 -22.62
C SER B 54 22.16 -4.00 -23.77
N PRO B 55 23.08 -3.49 -24.59
CA PRO B 55 22.73 -2.38 -25.48
C PRO B 55 21.77 -2.77 -26.59
N GLU B 56 21.85 -4.01 -27.08
CA GLU B 56 20.84 -4.48 -28.03
C GLU B 56 19.46 -4.45 -27.41
N GLN B 57 19.37 -4.83 -26.14
CA GLN B 57 18.09 -4.82 -25.44
C GLN B 57 17.55 -3.41 -25.30
N VAL B 58 18.36 -2.50 -24.76
CA VAL B 58 17.98 -1.11 -24.57
C VAL B 58 17.56 -0.49 -25.90
N ALA B 59 18.07 -1.03 -27.00
CA ALA B 59 17.75 -0.55 -28.34
C ALA B 59 16.51 -1.21 -28.90
N ARG B 60 16.46 -2.55 -28.90
CA ARG B 60 15.23 -3.24 -29.30
C ARG B 60 14.06 -2.78 -28.43
N PHE B 61 14.31 -2.44 -27.17
CA PHE B 61 13.26 -1.91 -26.32
C PHE B 61 12.78 -0.55 -26.81
N SER B 62 13.71 0.38 -27.08
CA SER B 62 13.31 1.72 -27.51
C SER B 62 12.51 1.66 -28.80
N GLN B 63 12.90 0.78 -29.72
CA GLN B 63 12.11 0.59 -30.92
C GLN B 63 10.71 0.08 -30.56
N GLU B 64 10.64 -0.92 -29.67
CA GLU B 64 9.39 -1.62 -29.40
C GLU B 64 8.30 -0.71 -28.83
N VAL B 65 8.68 0.29 -28.03
CA VAL B 65 7.68 1.16 -27.41
C VAL B 65 7.48 2.46 -28.17
N ASP B 66 8.35 2.77 -29.13
CA ASP B 66 8.19 3.95 -29.97
C ASP B 66 6.81 4.09 -30.59
N PRO B 67 6.15 3.04 -31.09
CA PRO B 67 4.81 3.25 -31.66
C PRO B 67 3.77 3.64 -30.61
N ALA B 68 3.89 3.09 -29.40
CA ALA B 68 3.01 3.56 -28.34
C ALA B 68 3.33 5.01 -27.99
N MET B 69 4.62 5.35 -27.98
CA MET B 69 5.05 6.70 -27.69
C MET B 69 4.57 7.70 -28.73
N GLU B 70 4.39 7.25 -29.98
CA GLU B 70 3.97 8.17 -31.03
C GLU B 70 2.51 8.55 -30.90
N LYS B 71 1.70 7.75 -30.20
CA LYS B 71 0.29 8.05 -29.99
C LYS B 71 0.06 8.76 -28.66
N ILE B 72 1.07 9.46 -28.16
CA ILE B 72 0.95 10.23 -26.93
C ILE B 72 1.09 11.70 -27.30
N PRO B 73 0.00 12.47 -27.30
CA PRO B 73 0.11 13.92 -27.55
C PRO B 73 0.82 14.64 -26.43
N VAL B 74 1.46 15.76 -26.78
CA VAL B 74 2.32 16.52 -25.88
C VAL B 74 1.56 17.71 -25.30
N GLU B 75 1.66 17.90 -23.99
CA GLU B 75 1.08 19.07 -23.32
C GLU B 75 2.06 20.24 -23.35
N VAL B 76 1.58 21.42 -23.73
CA VAL B 76 2.36 22.68 -23.64
C VAL B 76 1.53 23.63 -22.78
N THR B 77 1.71 23.54 -21.45
CA THR B 77 0.74 24.10 -20.51
C THR B 77 1.23 25.28 -19.69
N ASN B 78 2.51 25.32 -19.33
CA ASN B 78 3.07 26.33 -18.42
C ASN B 78 2.41 26.33 -17.04
N ASN B 79 1.74 25.23 -16.65
CA ASN B 79 1.08 25.16 -15.34
C ASN B 79 1.95 24.50 -14.28
N GLY B 80 3.24 24.28 -14.55
CA GLY B 80 4.15 23.71 -13.57
C GLY B 80 4.07 22.22 -13.40
N ASN B 81 3.12 21.55 -14.06
CA ASN B 81 2.96 20.10 -14.07
C ASN B 81 4.24 19.34 -14.36
N SER B 82 4.21 18.06 -14.01
CA SER B 82 5.14 17.08 -14.54
C SER B 82 4.62 16.48 -15.85
N ASN B 83 3.49 16.95 -16.35
CA ASN B 83 2.96 16.54 -17.64
C ASN B 83 3.24 17.56 -18.74
N ASP B 84 3.87 18.67 -18.41
CA ASP B 84 4.14 19.74 -19.37
C ASP B 84 5.32 19.35 -20.23
N ARG B 85 5.05 18.97 -21.47
CA ARG B 85 6.08 18.57 -22.44
C ARG B 85 6.92 17.40 -21.91
N THR B 86 6.25 16.42 -21.31
CA THR B 86 6.89 15.19 -20.85
C THR B 86 5.95 14.04 -21.15
N LYS B 87 6.36 13.13 -22.04
CA LYS B 87 5.56 11.95 -22.38
C LYS B 87 5.78 10.82 -21.38
N ARG B 88 4.70 10.17 -20.99
CA ARG B 88 4.75 9.10 -19.98
C ARG B 88 3.92 7.92 -20.45
N PHE B 89 4.48 6.71 -20.30
CA PHE B 89 3.86 5.50 -20.83
C PHE B 89 4.24 4.32 -19.94
N SER B 90 3.23 3.52 -19.53
CA SER B 90 3.43 2.48 -18.53
C SER B 90 3.14 1.05 -18.98
N LYS B 91 2.46 0.85 -20.12
CA LYS B 91 2.16 -0.50 -20.59
C LYS B 91 3.37 -1.17 -21.22
N CYS B 92 4.49 -1.20 -20.49
CA CYS B 92 5.75 -1.70 -21.03
C CYS B 92 5.75 -3.22 -21.20
N VAL B 93 5.07 -3.96 -20.31
CA VAL B 93 5.06 -5.42 -20.45
C VAL B 93 4.09 -5.85 -21.53
N ILE B 94 3.01 -5.09 -21.73
CA ILE B 94 2.06 -5.44 -22.77
C ILE B 94 2.64 -5.15 -24.14
N ALA B 95 3.48 -4.13 -24.27
CA ALA B 95 3.89 -3.64 -25.57
C ALA B 95 5.35 -3.94 -25.91
N SER B 96 6.08 -4.63 -25.05
CA SER B 96 7.50 -4.83 -25.33
C SER B 96 7.95 -6.22 -24.91
N PRO B 97 8.19 -7.11 -25.86
CA PRO B 97 8.62 -8.47 -25.49
C PRO B 97 9.97 -8.49 -24.80
N THR B 98 10.94 -7.70 -25.26
CA THR B 98 12.22 -7.66 -24.57
C THR B 98 12.04 -7.24 -23.11
N PHE B 99 11.22 -6.21 -22.87
CA PHE B 99 11.00 -5.72 -21.52
C PHE B 99 10.49 -6.83 -20.61
N ARG B 100 9.38 -7.46 -21.00
CA ARG B 100 8.76 -8.47 -20.16
C ARG B 100 9.55 -9.77 -20.13
N ASN B 101 10.36 -10.05 -21.15
CA ASN B 101 11.11 -11.30 -21.24
C ASN B 101 12.57 -11.19 -20.83
N GLU B 102 13.17 -10.00 -20.95
CA GLU B 102 14.60 -9.84 -20.69
C GLU B 102 14.88 -8.86 -19.56
N ILE B 103 14.32 -7.65 -19.62
CA ILE B 103 14.78 -6.59 -18.71
C ILE B 103 14.36 -6.89 -17.28
N ILE B 104 13.11 -7.30 -17.07
CA ILE B 104 12.59 -7.44 -15.70
C ILE B 104 13.18 -8.67 -15.00
N GLU B 105 14.10 -9.39 -15.65
CA GLU B 105 14.68 -10.59 -15.06
C GLU B 105 16.16 -10.43 -14.75
N SER B 106 16.60 -9.21 -14.45
CA SER B 106 17.99 -8.96 -14.11
C SER B 106 18.24 -9.39 -12.67
N ASP B 107 19.16 -10.34 -12.47
CA ASP B 107 19.42 -10.83 -11.12
C ASP B 107 20.03 -9.76 -10.24
N LEU B 108 20.73 -8.79 -10.85
CA LEU B 108 21.22 -7.66 -10.07
C LEU B 108 20.06 -6.92 -9.44
N MET B 109 19.04 -6.64 -10.25
CA MET B 109 17.83 -5.98 -9.74
C MET B 109 17.34 -6.70 -8.50
N HIS B 110 17.01 -7.99 -8.64
CA HIS B 110 16.44 -8.73 -7.52
C HIS B 110 17.42 -8.83 -6.35
N GLU B 111 18.71 -9.07 -6.64
CA GLU B 111 19.69 -9.17 -5.57
C GLU B 111 19.77 -7.87 -4.78
N LEU B 112 19.52 -6.74 -5.43
CA LEU B 112 19.52 -5.45 -4.75
C LEU B 112 18.19 -5.18 -4.07
N CYS B 113 17.07 -5.45 -4.76
CA CYS B 113 15.77 -5.35 -4.12
C CYS B 113 15.73 -6.18 -2.85
N ASP B 114 16.25 -7.42 -2.92
CA ASP B 114 16.23 -8.29 -1.76
C ASP B 114 17.05 -7.72 -0.62
N ARG B 115 18.05 -6.88 -0.94
CA ARG B 115 18.85 -6.28 0.11
C ARG B 115 18.18 -5.03 0.68
N VAL B 116 17.46 -4.27 -0.13
CA VAL B 116 16.77 -3.12 0.44
C VAL B 116 15.53 -3.54 1.23
N PHE B 117 14.83 -4.60 0.79
CA PHE B 117 13.44 -4.82 1.22
C PHE B 117 13.19 -6.11 1.99
N SER B 118 13.78 -7.24 1.61
CA SER B 118 13.39 -8.52 2.17
C SER B 118 13.95 -8.74 3.57
N LYS B 119 13.13 -9.25 4.41
CA LYS B 119 13.36 -9.79 5.74
C LYS B 119 13.62 -11.29 5.62
N PRO B 120 14.52 -11.85 6.42
CA PRO B 120 14.94 -13.24 6.19
C PRO B 120 13.81 -14.23 6.49
N GLY B 121 13.64 -15.21 5.61
CA GLY B 121 12.62 -16.22 5.81
C GLY B 121 11.19 -15.74 5.60
N GLU B 122 11.01 -14.59 4.94
CA GLU B 122 9.69 -14.09 4.60
C GLU B 122 9.49 -13.94 3.09
N GLY B 123 10.38 -14.50 2.28
CA GLY B 123 10.24 -14.34 0.86
C GLY B 123 10.40 -12.89 0.43
N MET B 124 10.06 -12.67 -0.85
CA MET B 124 10.23 -11.38 -1.49
C MET B 124 9.44 -10.29 -0.76
N GLY B 125 10.15 -9.25 -0.29
CA GLY B 125 9.50 -8.19 0.44
C GLY B 125 9.15 -7.02 -0.45
N TYR B 126 9.13 -7.23 -1.76
CA TYR B 126 9.01 -6.13 -2.72
C TYR B 126 8.16 -6.54 -3.91
N HIS B 127 7.66 -5.54 -4.63
CA HIS B 127 6.96 -5.76 -5.89
C HIS B 127 6.99 -4.45 -6.71
N PHE B 128 6.44 -4.52 -7.91
CA PHE B 128 6.46 -3.38 -8.82
C PHE B 128 5.41 -2.35 -8.46
N ASN B 129 5.81 -1.08 -8.57
CA ASN B 129 4.88 0.04 -8.53
C ASN B 129 4.52 0.55 -9.92
N ASP B 130 5.52 0.69 -10.80
CA ASP B 130 5.25 1.18 -12.15
C ASP B 130 6.37 0.70 -13.06
N ASN B 131 6.08 0.72 -14.36
CA ASN B 131 7.06 0.51 -15.43
C ASN B 131 6.85 1.67 -16.38
N MET B 132 7.50 2.80 -16.12
CA MET B 132 7.21 4.01 -16.88
C MET B 132 8.33 4.28 -17.87
N VAL B 133 7.94 4.67 -19.07
CA VAL B 133 8.86 5.30 -20.01
C VAL B 133 8.61 6.79 -19.95
N ILE B 134 9.63 7.55 -19.58
CA ILE B 134 9.49 9.00 -19.35
C ILE B 134 10.35 9.71 -20.39
N GLU B 135 9.70 10.40 -21.33
CA GLU B 135 10.37 11.07 -22.45
C GLU B 135 10.22 12.58 -22.32
N VAL B 136 11.26 13.23 -21.81
CA VAL B 136 11.26 14.68 -21.58
C VAL B 136 11.36 15.38 -22.93
N GLN B 137 10.29 16.07 -23.32
CA GLN B 137 10.24 16.74 -24.62
C GLN B 137 11.14 17.97 -24.63
N PRO B 138 11.53 18.43 -25.83
CA PRO B 138 12.44 19.59 -25.91
C PRO B 138 11.71 20.88 -25.58
N GLY B 139 12.37 21.73 -24.80
CA GLY B 139 11.71 22.91 -24.26
C GLY B 139 10.80 22.62 -23.10
N ALA B 140 11.07 21.55 -22.34
CA ALA B 140 10.25 21.20 -21.19
C ALA B 140 10.86 21.81 -19.95
N PRO B 141 10.12 22.62 -19.20
CA PRO B 141 10.65 23.16 -17.94
C PRO B 141 11.13 22.05 -17.03
N ALA B 142 12.07 22.40 -16.14
CA ALA B 142 12.57 21.44 -15.17
C ALA B 142 11.45 21.05 -14.21
N GLN B 143 11.42 19.76 -13.86
CA GLN B 143 10.40 19.24 -12.96
C GLN B 143 10.67 19.71 -11.54
N ARG B 144 9.60 20.04 -10.81
CA ARG B 144 9.73 20.38 -9.41
C ARG B 144 10.55 19.33 -8.69
N LEU B 145 11.44 19.79 -7.80
CA LEU B 145 12.22 18.88 -6.98
C LEU B 145 11.30 18.12 -6.01
N HIS B 146 11.69 16.90 -5.67
CA HIS B 146 10.80 16.06 -4.88
C HIS B 146 11.55 14.81 -4.43
N ARG B 147 11.00 14.15 -3.41
CA ARG B 147 11.35 12.78 -3.08
C ARG B 147 10.28 11.86 -3.65
N ASP B 148 10.71 10.78 -4.28
CA ASP B 148 9.73 9.83 -4.83
C ASP B 148 8.76 9.32 -3.76
N GLN B 149 9.21 9.20 -2.51
CA GLN B 149 8.35 8.70 -1.42
C GLN B 149 7.26 9.70 -1.02
N GLU B 150 7.20 10.86 -1.65
CA GLU B 150 6.02 11.70 -1.53
C GLU B 150 4.79 11.03 -2.15
N LEU B 151 5.00 9.99 -2.97
CA LEU B 151 3.89 9.20 -3.46
C LEU B 151 3.10 8.57 -2.29
N TYR B 152 3.78 8.26 -1.18
CA TYR B 152 3.20 7.71 0.04
C TYR B 152 3.26 8.78 1.12
N PRO B 153 2.23 9.62 1.25
CA PRO B 153 2.42 10.97 1.81
C PRO B 153 2.91 11.04 3.26
N TRP B 154 2.75 10.00 4.09
CA TRP B 154 3.23 10.05 5.47
C TRP B 154 4.70 9.66 5.59
N TRP B 155 5.31 9.19 4.52
CA TRP B 155 6.62 8.57 4.67
C TRP B 155 7.63 9.61 5.10
N ASN B 156 7.65 10.76 4.44
CA ASN B 156 8.52 11.86 4.86
C ASN B 156 8.42 12.12 6.35
N SER B 157 7.23 11.91 6.94
CA SER B 157 7.08 12.22 8.35
C SER B 157 8.00 11.35 9.22
N MET B 158 8.51 10.25 8.69
CA MET B 158 9.35 9.35 9.46
C MET B 158 10.82 9.71 9.42
N GLY B 159 11.25 10.64 8.55
CA GLY B 159 12.62 11.05 8.52
C GLY B 159 13.54 9.99 7.96
N PRO B 160 14.86 10.22 8.05
CA PRO B 160 15.82 9.28 7.47
C PRO B 160 16.03 8.02 8.30
N ALA B 161 15.44 7.95 9.50
CA ALA B 161 15.39 6.72 10.27
C ALA B 161 14.24 5.82 9.83
N GLY B 162 13.29 6.36 9.08
CA GLY B 162 12.23 5.56 8.52
C GLY B 162 12.79 4.48 7.63
N PRO B 163 12.05 3.39 7.51
CA PRO B 163 12.47 2.32 6.59
C PRO B 163 12.34 2.75 5.15
N GLU B 164 12.93 1.95 4.25
CA GLU B 164 12.80 2.25 2.84
C GLU B 164 11.41 1.86 2.36
N CYS B 165 10.78 2.73 1.58
CA CYS B 165 9.51 2.36 0.96
C CYS B 165 9.61 2.10 -0.53
N LEU B 166 10.56 2.73 -1.21
CA LEU B 166 10.55 2.79 -2.67
C LEU B 166 11.98 3.02 -3.17
N ILE B 167 12.38 2.26 -4.19
CA ILE B 167 13.60 2.52 -4.92
C ILE B 167 13.27 2.54 -6.40
N ASN B 168 14.08 3.27 -7.16
CA ASN B 168 13.84 3.52 -8.57
C ASN B 168 15.09 3.16 -9.34
N PHE B 169 14.97 2.15 -10.22
CA PHE B 169 16.00 1.83 -11.23
C PHE B 169 15.69 2.66 -12.47
N PHE B 170 16.23 3.88 -12.50
CA PHE B 170 15.91 4.87 -13.53
C PHE B 170 16.90 4.69 -14.68
N CYS B 171 16.42 4.18 -15.81
CA CYS B 171 17.29 3.70 -16.87
C CYS B 171 17.24 4.62 -18.09
N ALA B 172 18.41 5.01 -18.59
CA ALA B 172 18.49 5.90 -19.74
C ALA B 172 18.19 5.14 -21.02
N VAL B 173 17.31 5.68 -21.84
CA VAL B 173 16.97 5.07 -23.12
C VAL B 173 17.76 5.76 -24.24
N THR B 174 17.49 7.04 -24.44
CA THR B 174 18.34 7.88 -25.26
C THR B 174 19.38 8.54 -24.35
N PRO B 175 20.42 9.16 -24.91
CA PRO B 175 21.47 9.70 -24.05
C PRO B 175 20.94 10.74 -23.08
N PHE B 176 21.50 10.73 -21.86
CA PHE B 176 21.16 11.70 -20.82
C PHE B 176 22.30 12.71 -20.77
N THR B 177 22.04 13.89 -21.35
CA THR B 177 22.98 15.01 -21.37
C THR B 177 22.60 16.02 -20.31
N GLU B 178 23.53 16.95 -20.03
CA GLU B 178 23.17 18.08 -19.19
C GLU B 178 22.26 19.05 -19.93
N GLU B 179 22.24 18.98 -21.27
CA GLU B 179 21.39 19.87 -22.05
C GLU B 179 19.97 19.32 -22.24
N ASN B 180 19.81 18.02 -22.47
CA ASN B 180 18.49 17.45 -22.72
C ASN B 180 17.73 17.19 -21.44
N GLY B 181 18.26 17.60 -20.29
CA GLY B 181 17.52 17.54 -19.05
C GLY B 181 17.60 16.25 -18.26
N ALA B 182 18.75 15.56 -18.25
CA ALA B 182 18.95 14.40 -17.39
C ALA B 182 18.54 14.70 -15.94
N THR B 183 18.29 13.68 -15.13
CA THR B 183 17.74 13.93 -13.81
C THR B 183 18.74 14.62 -12.89
N ARG B 184 18.26 15.61 -12.17
CA ARG B 184 19.07 16.35 -11.22
C ARG B 184 19.00 15.64 -9.87
N LEU B 185 20.09 15.01 -9.46
CA LEU B 185 20.13 14.28 -8.20
C LEU B 185 20.63 15.17 -7.07
N VAL B 186 20.32 14.78 -5.83
CA VAL B 186 20.88 15.43 -4.65
C VAL B 186 21.38 14.34 -3.69
N PRO B 187 22.53 13.71 -3.96
CA PRO B 187 22.99 12.62 -3.09
C PRO B 187 23.10 13.07 -1.64
N GLY B 188 22.84 12.15 -0.73
CA GLY B 188 22.88 12.45 0.69
C GLY B 188 21.67 13.17 1.26
N SER B 189 20.72 13.62 0.43
CA SER B 189 19.52 14.22 1.00
C SER B 189 18.64 13.18 1.70
N HIS B 190 19.02 11.91 1.66
CA HIS B 190 18.36 10.85 2.42
C HIS B 190 18.81 10.80 3.87
N LEU B 191 19.70 11.70 4.27
CA LEU B 191 20.11 11.76 5.66
C LEU B 191 19.82 13.12 6.28
N TRP B 192 19.22 14.05 5.54
CA TRP B 192 18.85 15.30 6.16
C TRP B 192 17.91 15.03 7.33
N PRO B 193 17.94 15.87 8.36
CA PRO B 193 17.22 15.54 9.61
C PRO B 193 15.72 15.69 9.52
N GLU B 194 15.20 16.53 8.63
CA GLU B 194 13.75 16.63 8.40
C GLU B 194 13.51 16.45 6.93
N PHE B 195 12.52 15.63 6.60
CA PHE B 195 12.09 15.45 5.22
C PHE B 195 10.88 16.34 5.01
N THR B 196 11.06 17.41 4.24
CA THR B 196 9.99 18.33 3.89
C THR B 196 9.71 18.20 2.40
N GLN B 197 8.60 18.82 2.00
CA GLN B 197 8.51 19.12 0.59
C GLN B 197 9.48 20.26 0.26
N ILE B 198 9.84 20.33 -1.01
CA ILE B 198 10.90 21.22 -1.47
C ILE B 198 10.26 22.45 -2.09
N ASN B 199 9.89 23.41 -1.26
CA ASN B 199 9.36 24.67 -1.76
C ASN B 199 9.70 25.76 -0.77
N GLU B 200 9.53 27.02 -1.23
CA GLU B 200 9.93 28.17 -0.44
C GLU B 200 9.21 28.22 0.91
N ARG B 201 7.92 27.84 0.93
CA ARG B 201 7.16 27.86 2.18
C ARG B 201 7.65 26.78 3.14
N ASP B 202 8.02 25.60 2.63
CA ASP B 202 8.27 24.45 3.50
C ASP B 202 9.73 24.04 3.59
N CYS B 203 10.55 24.30 2.57
CA CYS B 203 11.95 23.87 2.65
C CYS B 203 12.85 25.02 3.04
N PRO B 204 13.59 24.89 4.15
CA PRO B 204 14.52 25.97 4.53
C PRO B 204 15.68 26.12 3.58
N GLN B 205 16.23 25.04 3.04
CA GLN B 205 17.34 25.12 2.10
C GLN B 205 16.90 25.42 0.67
N PHE B 206 15.70 25.98 0.46
CA PHE B 206 15.14 26.08 -0.87
C PHE B 206 15.88 27.14 -1.68
N GLY B 207 16.47 26.72 -2.81
CA GLY B 207 17.34 27.58 -3.59
C GLY B 207 18.82 27.35 -3.33
N LYS B 208 19.17 26.81 -2.17
CA LYS B 208 20.55 26.45 -1.85
C LYS B 208 20.79 24.95 -1.97
N ILE B 209 19.79 24.20 -2.41
CA ILE B 209 19.95 22.76 -2.55
C ILE B 209 20.88 22.50 -3.72
N GLU B 210 22.00 21.81 -3.46
CA GLU B 210 23.02 21.61 -4.47
C GLU B 210 22.71 20.35 -5.28
N THR B 211 22.36 20.55 -6.53
CA THR B 211 22.04 19.46 -7.43
C THR B 211 23.31 18.89 -8.05
N VAL B 212 23.16 17.72 -8.69
CA VAL B 212 24.22 17.08 -9.48
C VAL B 212 23.51 16.28 -10.57
N PRO B 213 23.69 16.63 -11.86
CA PRO B 213 22.92 16.00 -12.94
C PRO B 213 23.16 14.50 -13.13
N ILE B 215 23.89 12.19 -15.93
CA ILE B 215 24.69 12.12 -17.16
C ILE B 215 25.02 10.65 -17.45
N MET B 216 24.31 10.07 -18.43
CA MET B 216 24.33 8.63 -18.69
C MET B 216 24.11 8.35 -20.17
N GLN B 217 24.53 7.17 -20.59
CA GLN B 217 24.35 6.70 -21.95
C GLN B 217 23.27 5.62 -22.02
N PRO B 218 22.65 5.41 -23.21
CA PRO B 218 21.63 4.35 -23.34
C PRO B 218 22.02 3.04 -22.68
N GLY B 219 21.14 2.53 -21.82
CA GLY B 219 21.40 1.31 -21.09
C GLY B 219 21.85 1.53 -19.65
N ASP B 220 22.45 2.68 -19.35
CA ASP B 220 22.82 2.93 -17.97
C ASP B 220 21.57 3.15 -17.13
N CYS B 221 21.77 3.16 -15.82
CA CYS B 221 20.68 3.50 -14.93
C CYS B 221 21.28 4.04 -13.65
N TYR B 222 20.42 4.61 -12.81
CA TYR B 222 20.81 4.95 -11.45
C TYR B 222 19.74 4.44 -10.49
N LEU B 223 20.22 3.88 -9.39
CA LEU B 223 19.39 3.27 -8.35
C LEU B 223 19.24 4.29 -7.23
N MET B 224 18.09 4.94 -7.17
CA MET B 224 17.88 6.03 -6.24
C MET B 224 16.89 5.62 -5.15
N SER B 225 17.22 5.96 -3.91
CA SER B 225 16.30 5.73 -2.82
C SER B 225 15.08 6.63 -2.97
N GLY B 226 14.04 6.31 -2.21
CA GLY B 226 12.87 7.15 -2.23
C GLY B 226 12.96 8.37 -1.37
N LYS B 227 14.02 8.47 -0.56
CA LYS B 227 14.26 9.61 0.31
C LYS B 227 15.06 10.72 -0.36
N VAL B 228 15.55 10.49 -1.58
CA VAL B 228 16.52 11.35 -2.25
C VAL B 228 15.82 12.42 -3.07
N ILE B 229 16.22 13.68 -2.85
CA ILE B 229 15.66 14.80 -3.60
C ILE B 229 16.15 14.74 -5.05
N HIS B 230 15.26 15.10 -5.97
CA HIS B 230 15.57 15.01 -7.39
C HIS B 230 14.45 15.66 -8.18
N GLY B 231 14.69 15.76 -9.48
CA GLY B 231 13.77 16.33 -10.43
C GLY B 231 14.37 16.33 -11.82
N ALA B 232 13.54 16.14 -12.84
CA ALA B 232 14.04 16.26 -14.21
C ALA B 232 14.45 17.69 -14.48
N GLY B 233 15.55 17.85 -15.20
CA GLY B 233 16.01 19.16 -15.56
C GLY B 233 15.22 19.75 -16.71
N HIS B 234 15.56 20.98 -17.03
CA HIS B 234 15.06 21.63 -18.24
C HIS B 234 15.69 21.00 -19.46
N ASN B 235 14.88 20.67 -20.47
CA ASN B 235 15.42 20.19 -21.74
C ASN B 235 15.63 21.39 -22.64
N ALA B 236 16.85 21.89 -22.70
CA ALA B 236 17.14 23.15 -23.36
C ALA B 236 17.28 23.02 -24.88
N THR B 237 17.18 21.81 -25.44
CA THR B 237 17.51 21.60 -26.85
C THR B 237 16.31 21.81 -27.76
N THR B 238 16.54 21.58 -29.05
CA THR B 238 15.54 21.76 -30.08
C THR B 238 15.15 20.44 -30.76
N THR B 239 15.94 19.38 -30.55
CA THR B 239 15.73 18.14 -31.29
C THR B 239 15.60 16.93 -30.35
N ASP B 240 16.24 16.98 -29.19
CA ASP B 240 16.49 15.76 -28.41
C ASP B 240 15.28 15.44 -27.54
N ARG B 241 14.54 14.40 -27.92
CA ARG B 241 13.53 13.76 -27.07
C ARG B 241 14.28 12.80 -26.14
N ARG B 242 14.46 13.20 -24.88
CA ARG B 242 15.31 12.46 -23.94
C ARG B 242 14.44 11.46 -23.16
N ARG B 243 14.64 10.17 -23.43
CA ARG B 243 13.71 9.11 -23.04
C ARG B 243 14.33 8.23 -21.95
N ALA B 244 13.51 7.83 -20.97
CA ALA B 244 13.94 7.00 -19.84
C ALA B 244 12.96 5.85 -19.61
N LEU B 245 13.41 4.81 -18.89
CA LEU B 245 12.55 3.71 -18.45
C LEU B 245 12.78 3.45 -16.96
N ALA B 246 11.82 3.86 -16.13
CA ALA B 246 11.94 3.81 -14.67
C ALA B 246 11.31 2.54 -14.12
N LEU B 247 12.09 1.76 -13.37
CA LEU B 247 11.63 0.58 -12.66
C LEU B 247 11.34 0.97 -11.21
N SER B 248 10.09 1.30 -10.92
CA SER B 248 9.68 1.69 -9.59
C SER B 248 9.24 0.45 -8.83
N ILE B 249 9.84 0.21 -7.66
CA ILE B 249 9.68 -1.02 -6.88
C ILE B 249 9.46 -0.65 -5.41
N ILE B 250 8.44 -1.26 -4.77
CA ILE B 250 7.96 -0.85 -3.45
C ILE B 250 7.89 -2.04 -2.51
N ARG B 251 7.80 -1.76 -1.21
CA ARG B 251 7.54 -2.81 -0.24
C ARG B 251 6.23 -3.53 -0.56
N ARG B 252 6.15 -4.82 -0.21
CA ARG B 252 4.94 -5.59 -0.51
C ARG B 252 3.73 -5.07 0.24
N GLU B 253 3.91 -4.31 1.31
CA GLU B 253 2.80 -3.75 2.07
C GLU B 253 2.20 -2.49 1.44
N LEU B 254 2.83 -1.95 0.40
CA LEU B 254 2.37 -0.75 -0.25
C LEU B 254 1.63 -1.08 -1.55
N ARG B 255 0.76 -0.19 -1.94
CA ARG B 255 -0.13 -0.44 -3.06
C ARG B 255 0.48 0.08 -4.37
N PRO B 256 0.51 -0.73 -5.43
CA PRO B 256 1.06 -0.25 -6.69
C PRO B 256 0.23 0.88 -7.26
N MET B 257 0.91 1.84 -7.88
CA MET B 257 0.21 2.89 -8.59
C MET B 257 -0.43 2.38 -9.89
N GLN B 258 0.12 1.31 -10.47
CA GLN B 258 -0.44 0.71 -11.68
C GLN B 258 -1.11 -0.61 -11.32
N ALA B 259 -2.30 -0.81 -11.87
CA ALA B 259 -3.11 -2.00 -11.59
C ALA B 259 -2.78 -3.13 -12.56
N PHE B 260 -1.51 -3.58 -12.53
CA PHE B 260 -0.99 -4.43 -13.60
C PHE B 260 -1.74 -5.78 -13.69
N SER B 261 -2.17 -6.34 -12.56
CA SER B 261 -2.79 -7.66 -12.63
C SER B 261 -4.19 -7.61 -13.24
N LEU B 262 -4.68 -6.43 -13.56
CA LEU B 262 -5.94 -6.29 -14.29
C LEU B 262 -5.76 -5.78 -15.71
N SER B 263 -4.63 -5.15 -16.02
CA SER B 263 -4.41 -4.69 -17.38
C SER B 263 -3.61 -5.74 -18.17
N VAL B 264 -2.48 -6.17 -17.63
CA VAL B 264 -1.63 -7.21 -18.22
C VAL B 264 -2.41 -8.51 -18.37
N PRO B 265 -2.56 -9.03 -19.59
CA PRO B 265 -3.47 -10.17 -19.80
C PRO B 265 -2.89 -11.48 -19.30
N MET B 266 -3.79 -12.42 -18.99
CA MET B 266 -3.34 -13.69 -18.42
C MET B 266 -2.38 -14.41 -19.35
N LYS B 267 -2.50 -14.22 -20.67
CA LYS B 267 -1.60 -14.88 -21.60
C LYS B 267 -0.15 -14.55 -21.27
N LEU B 268 0.15 -13.27 -21.01
CA LEU B 268 1.51 -12.84 -20.69
C LEU B 268 1.94 -13.31 -19.31
N ALA B 269 1.02 -13.35 -18.35
CA ALA B 269 1.38 -13.72 -16.98
C ALA B 269 1.83 -15.17 -16.89
N ARG B 270 1.20 -16.06 -17.67
CA ARG B 270 1.58 -17.48 -17.63
CA ARG B 270 1.58 -17.47 -17.61
C ARG B 270 3.02 -17.71 -18.06
N GLU B 271 3.59 -16.79 -18.84
CA GLU B 271 4.96 -16.96 -19.33
C GLU B 271 6.02 -16.36 -18.41
N MET B 272 5.62 -15.66 -17.35
CA MET B 272 6.56 -15.04 -16.45
C MET B 272 7.10 -16.04 -15.43
N SER B 273 8.21 -15.67 -14.83
CA SER B 273 8.75 -16.43 -13.71
C SER B 273 7.83 -16.29 -12.49
N GLU B 274 7.98 -17.25 -11.58
CA GLU B 274 7.30 -17.11 -10.28
C GLU B 274 7.63 -15.78 -9.64
N ARG B 275 8.91 -15.36 -9.72
CA ARG B 275 9.31 -14.10 -9.10
C ARG B 275 8.69 -12.92 -9.82
N SER B 276 8.47 -13.01 -11.13
CA SER B 276 7.91 -11.87 -11.84
C SER B 276 6.41 -11.82 -11.73
N GLN B 277 5.75 -12.97 -11.67
CA GLN B 277 4.35 -12.99 -11.31
C GLN B 277 4.14 -12.34 -9.95
N THR B 278 5.05 -12.57 -9.01
CA THR B 278 4.97 -11.92 -7.71
C THR B 278 5.13 -10.41 -7.83
N MET B 279 6.00 -9.96 -8.75
CA MET B 279 6.22 -8.52 -8.92
C MET B 279 4.99 -7.81 -9.46
N PHE B 280 4.21 -8.46 -10.31
CA PHE B 280 3.01 -7.86 -10.86
C PHE B 280 1.74 -8.25 -10.13
N GLY B 281 1.85 -8.91 -8.98
CA GLY B 281 0.66 -9.22 -8.23
C GLY B 281 -0.16 -10.35 -8.78
N PHE B 282 0.36 -11.13 -9.73
CA PHE B 282 -0.34 -12.34 -10.15
C PHE B 282 -0.10 -13.49 -9.18
N ARG B 283 0.77 -13.28 -8.19
CA ARG B 283 1.12 -14.27 -7.19
C ARG B 283 1.33 -13.54 -5.89
N SER B 284 1.13 -14.23 -4.78
CA SER B 284 1.20 -13.64 -3.44
C SER B 284 2.57 -13.87 -2.82
N SER B 285 2.81 -13.18 -1.68
CA SER B 285 4.00 -13.36 -0.85
C SER B 285 3.60 -13.45 0.62
N VAL B 286 4.47 -14.11 1.41
CA VAL B 286 4.26 -14.30 2.85
C VAL B 286 4.09 -12.98 3.59
N PHE B 296 -0.17 -11.21 2.25
CA PHE B 296 -0.62 -10.05 1.48
C PHE B 296 -1.09 -10.41 0.09
N TRP B 297 -2.16 -9.77 -0.35
CA TRP B 297 -2.69 -9.95 -1.69
C TRP B 297 -2.92 -11.44 -1.97
N GLY B 298 -3.58 -12.10 -1.02
CA GLY B 298 -3.93 -13.49 -1.16
C GLY B 298 -5.39 -13.69 -1.51
N ASN B 299 -5.87 -14.93 -1.31
CA ASN B 299 -7.23 -15.34 -1.68
C ASN B 299 -7.76 -16.30 -0.61
N ASP B 300 -8.34 -15.74 0.44
CA ASP B 300 -8.96 -16.50 1.52
C ASP B 300 -8.02 -17.60 2.03
N GLY B 301 -6.92 -17.15 2.61
CA GLY B 301 -5.94 -18.07 3.18
C GLY B 301 -5.05 -18.80 2.20
N LYS B 302 -5.19 -18.55 0.90
CA LYS B 302 -4.42 -19.25 -0.11
C LYS B 302 -3.81 -18.23 -1.08
N ASP B 303 -2.75 -18.66 -1.76
CA ASP B 303 -2.13 -17.83 -2.80
C ASP B 303 -3.13 -17.51 -3.90
N ILE B 304 -3.11 -16.27 -4.38
CA ILE B 304 -4.03 -15.93 -5.46
C ILE B 304 -3.69 -16.70 -6.72
N ALA B 305 -2.48 -17.27 -6.81
CA ALA B 305 -2.03 -17.97 -8.02
C ALA B 305 -2.79 -19.26 -8.27
N HIS B 306 -3.26 -19.92 -7.21
CA HIS B 306 -4.15 -21.06 -7.39
C HIS B 306 -5.34 -20.66 -8.24
N HIS B 307 -6.14 -19.71 -7.76
CA HIS B 307 -7.36 -19.32 -8.45
C HIS B 307 -7.10 -18.81 -9.86
N LEU B 308 -5.90 -18.31 -10.14
CA LEU B 308 -5.61 -17.74 -11.46
C LEU B 308 -5.19 -18.78 -12.50
N GLY B 309 -4.91 -20.01 -12.09
CA GLY B 309 -4.53 -21.04 -13.04
C GLY B 309 -3.04 -21.11 -13.24
N LEU B 310 -2.31 -21.11 -12.12
CA LEU B 310 -0.85 -20.99 -12.17
C LEU B 310 -0.15 -21.98 -11.23
N ILE B 311 -0.85 -22.98 -10.72
CA ILE B 311 -0.29 -23.99 -9.81
C ILE B 311 0.54 -23.30 -8.73
FE FE C . -7.00 -7.25 15.58
C1 AKG D . -7.72 -9.61 14.67
O1 AKG D . -6.84 -8.77 14.34
O2 AKG D . -7.84 -10.72 14.08
C2 AKG D . -8.64 -9.29 15.85
O5 AKG D . -8.37 -8.44 16.63
C3 AKG D . -9.92 -10.08 16.05
C4 AKG D . -10.46 -9.76 17.45
C5 AKG D . -11.67 -10.62 17.71
O3 AKG D . -12.54 -10.26 18.52
O4 AKG D . -11.80 -11.72 17.10
C10 8T0 E . -3.30 -9.77 10.49
C13 8T0 E . -1.76 -12.76 10.43
C15 8T0 E . -2.88 -10.99 13.85
C17 8T0 E . -0.84 -10.01 10.87
C20 8T0 E . -6.22 -6.65 10.93
C21 8T0 E . -7.45 -6.50 10.34
C22 8T0 E . -8.52 -8.72 10.41
C24 8T0 E . -9.38 -8.39 11.66
C26 8T0 E . -3.42 -15.97 12.99
C01 8T0 E . -7.26 -9.54 10.86
C02 8T0 E . -5.83 -9.11 10.42
C03 8T0 E . -7.44 -11.03 10.52
C04 8T0 E . -6.44 -11.95 11.22
C05 8T0 E . -4.96 -11.69 10.81
C06 8T0 E . -4.74 -10.13 10.92
C07 8T0 E . -3.89 -12.41 11.75
C08 8T0 E . -2.52 -11.98 11.21
C09 8T0 E . -2.24 -10.47 11.35
C11 8T0 E . -5.70 -8.85 8.89
C12 8T0 E . -4.86 -12.18 9.33
C14 8T0 E . -2.37 -9.99 12.80
O01 8T0 E . -2.09 -8.84 13.10
C16 8T0 E . -3.95 -11.95 13.24
O02 8T0 E . -4.86 -12.33 13.95
C18 8T0 E . -3.44 -10.24 15.06
O03 8T0 E . -1.76 -11.74 14.37
C19 8T0 E . -5.53 -7.78 11.10
O04 8T0 E . -8.28 -7.45 9.87
O05 8T0 E . -7.86 -5.35 10.24
C23 8T0 E . -9.47 -9.39 9.41
C25 8T0 E . -3.97 -13.97 11.88
O06 8T0 E . -4.65 -14.64 11.11
O07 8T0 E . -3.28 -14.57 12.89
FE FE F . 10.81 11.29 -9.24
C1 AKG G . 9.56 11.38 -11.58
O1 AKG G . 8.68 11.47 -12.49
O2 AKG G . 9.28 11.07 -10.41
C2 AKG G . 11.00 11.63 -11.90
O5 AKG G . 11.81 11.51 -11.04
C3 AKG G . 11.37 12.03 -13.31
C4 AKG G . 12.90 12.19 -13.39
C5 AKG G . 13.33 12.42 -14.84
O3 AKG G . 14.46 12.92 -15.04
O4 AKG G . 12.56 12.12 -15.81
C10 8T0 H . 4.06 10.02 -8.68
C13 8T0 H . 1.64 12.02 -9.97
C15 8T0 H . 5.57 13.09 -9.50
C17 8T0 H . 2.74 11.69 -7.34
C20 8T0 H . 7.72 7.87 -7.96
C21 8T0 H . 8.20 6.73 -8.53
C22 8T0 H . 7.82 7.02 -10.98
C24 8T0 H . 9.22 7.42 -11.55
C26 8T0 H . 1.90 14.01 -13.41
C01 8T0 H . 6.92 8.30 -10.87
C02 8T0 H . 5.92 8.46 -9.71
C03 8T0 H . 6.11 8.49 -12.18
C04 8T0 H . 5.41 9.85 -12.31
C05 8T0 H . 4.35 10.15 -11.21
C06 8T0 H . 5.04 9.76 -9.85
C07 8T0 H . 3.90 11.68 -11.14
C08 8T0 H . 2.98 11.84 -9.91
C09 8T0 H . 3.63 11.50 -8.58
C11 8T0 H . 5.07 7.20 -9.47
C12 8T0 H . 3.10 9.26 -11.51
C14 8T0 H . 4.88 12.33 -8.32
O01 8T0 H . 5.29 12.36 -7.17
C16 8T0 H . 5.14 12.60 -10.90
O02 8T0 H . 5.82 12.94 -11.85
C18 8T0 H . 7.09 13.01 -9.37
O03 8T0 H . 5.28 14.46 -9.36
C19 8T0 H . 6.74 8.65 -8.42
O04 8T0 H . 8.15 6.31 -9.82
O05 8T0 H . 8.76 5.97 -7.75
C23 8T0 H . 7.28 5.95 -11.95
C25 8T0 H . 3.22 12.31 -12.42
O06 8T0 H . 3.20 11.71 -13.48
O07 8T0 H . 2.65 13.53 -12.30
#